data_2NMX
#
_entry.id   2NMX
#
_cell.length_a   62.300
_cell.length_b   72.140
_cell.length_c   122.110
_cell.angle_alpha   90.00
_cell.angle_beta   90.00
_cell.angle_gamma   90.00
#
_symmetry.space_group_name_H-M   'P 21 21 21'
#
loop_
_entity.id
_entity.type
_entity.pdbx_description
1 polymer 'Carbonic anhydrase 1'
2 non-polymer 'ZINC ION'
3 non-polymer N-{2-[4-(AMINOSULFONYL)PHENYL]ETHYL}ACETAMIDE
4 non-polymer 'SODIUM ION'
5 non-polymer 2-AMINO-2-HYDROXYMETHYL-PROPANE-1,3-DIOL
6 water water
#
_entity_poly.entity_id   1
_entity_poly.type   'polypeptide(L)'
_entity_poly.pdbx_seq_one_letter_code
;ASPDWGYDDKNGPEQWSKLYPIANGNNQSPVDIKTSETKHDTSLKPISVSYNPATAKEIINVGHSFHVNFEDNDNRSVLK
GGPFSDSYRLFQFHFHWGSTNEHGSEHTVDGVKYSAELHVAHWNSAKYSSLAEAASKADGLAVIGVLMKVGEANPKLQKV
LDALQAIKTKGKRAPFTNFDPSTLLPSSLDFWTYPGSLTHPPLYESVTWIICKESISVSSEQLAQFRSLLSNVEGDNAVP
MQHNNRPTQPLKGRTVRASF
;
_entity_poly.pdbx_strand_id   A,B
#
# COMPACT_ATOMS: atom_id res chain seq x y z
N PRO A 3 -8.06 6.01 -12.00
CA PRO A 3 -7.45 4.67 -11.85
C PRO A 3 -7.62 3.83 -13.11
N ASP A 4 -6.80 2.80 -13.25
CA ASP A 4 -6.84 1.92 -14.42
C ASP A 4 -7.81 0.76 -14.27
N TRP A 5 -8.58 0.75 -13.19
CA TRP A 5 -9.54 -0.32 -12.97
C TRP A 5 -10.84 0.18 -12.36
N GLY A 6 -11.91 -0.58 -12.56
CA GLY A 6 -13.21 -0.22 -12.03
C GLY A 6 -14.16 -1.40 -12.08
N TYR A 7 -15.44 -1.12 -12.25
CA TYR A 7 -16.44 -2.18 -12.33
C TYR A 7 -17.26 -2.09 -13.61
N ASP A 8 -16.83 -1.24 -14.53
CA ASP A 8 -17.50 -1.08 -15.80
C ASP A 8 -17.08 -2.18 -16.77
N ASP A 9 -17.77 -2.29 -17.90
CA ASP A 9 -17.47 -3.31 -18.89
C ASP A 9 -16.01 -3.44 -19.29
N LYS A 10 -15.38 -2.32 -19.66
CA LYS A 10 -13.99 -2.34 -20.11
C LYS A 10 -12.91 -2.43 -19.02
N ASN A 11 -13.17 -1.87 -17.84
CA ASN A 11 -12.18 -1.90 -16.77
C ASN A 11 -12.63 -2.75 -15.58
N GLY A 12 -13.68 -3.54 -15.77
CA GLY A 12 -14.21 -4.36 -14.70
C GLY A 12 -13.47 -5.66 -14.39
N PRO A 13 -13.98 -6.44 -13.41
CA PRO A 13 -13.44 -7.72 -12.94
C PRO A 13 -12.97 -8.67 -14.03
N GLU A 14 -13.77 -8.80 -15.09
CA GLU A 14 -13.46 -9.68 -16.20
C GLU A 14 -12.16 -9.30 -16.92
N GLN A 15 -11.77 -8.03 -16.83
CA GLN A 15 -10.55 -7.57 -17.51
C GLN A 15 -9.39 -7.20 -16.60
N TRP A 16 -9.56 -7.33 -15.29
CA TRP A 16 -8.50 -7.00 -14.35
C TRP A 16 -7.18 -7.73 -14.55
N SER A 17 -7.25 -8.97 -15.02
CA SER A 17 -6.05 -9.78 -15.22
C SER A 17 -5.01 -9.14 -16.14
N LYS A 18 -5.47 -8.28 -17.05
CA LYS A 18 -4.56 -7.61 -17.98
C LYS A 18 -3.54 -6.76 -17.23
N LEU A 19 -4.02 -5.97 -16.26
CA LEU A 19 -3.15 -5.11 -15.48
C LEU A 19 -2.65 -5.77 -14.20
N TYR A 20 -3.45 -6.70 -13.67
CA TYR A 20 -3.08 -7.40 -12.44
C TYR A 20 -3.21 -8.91 -12.64
N PRO A 21 -2.15 -9.55 -13.18
CA PRO A 21 -2.10 -10.98 -13.44
C PRO A 21 -2.53 -11.89 -12.30
N ILE A 22 -2.34 -11.42 -11.06
CA ILE A 22 -2.70 -12.21 -9.89
C ILE A 22 -4.20 -12.49 -9.83
N ALA A 23 -4.97 -11.76 -10.64
CA ALA A 23 -6.42 -11.93 -10.68
C ALA A 23 -6.81 -13.37 -11.02
N ASN A 24 -5.89 -14.07 -11.67
CA ASN A 24 -6.10 -15.47 -12.05
C ASN A 24 -5.31 -16.40 -11.14
N GLY A 25 -4.98 -15.91 -9.94
CA GLY A 25 -4.21 -16.69 -8.98
C GLY A 25 -4.95 -17.86 -8.37
N ASN A 26 -4.30 -18.54 -7.45
CA ASN A 26 -4.88 -19.70 -6.77
C ASN A 26 -5.50 -19.40 -5.41
N ASN A 27 -5.44 -18.14 -4.99
CA ASN A 27 -6.00 -17.75 -3.70
C ASN A 27 -6.85 -16.48 -3.82
N GLN A 28 -7.63 -16.40 -4.89
CA GLN A 28 -8.48 -15.24 -5.14
C GLN A 28 -9.83 -15.27 -4.43
N SER A 29 -10.34 -14.10 -4.11
CA SER A 29 -11.63 -13.94 -3.43
C SER A 29 -12.49 -12.98 -4.25
N PRO A 30 -13.82 -13.04 -4.07
CA PRO A 30 -14.54 -13.93 -3.17
C PRO A 30 -14.75 -15.31 -3.78
N VAL A 31 -15.41 -16.19 -3.03
CA VAL A 31 -15.68 -17.55 -3.50
C VAL A 31 -17.09 -17.97 -3.10
N ASP A 32 -17.55 -19.06 -3.70
CA ASP A 32 -18.86 -19.60 -3.37
C ASP A 32 -18.61 -20.65 -2.29
N ILE A 33 -19.25 -20.48 -1.14
CA ILE A 33 -19.09 -21.42 -0.05
C ILE A 33 -20.11 -22.54 -0.15
N LYS A 34 -19.65 -23.74 -0.50
CA LYS A 34 -20.54 -24.89 -0.61
C LYS A 34 -20.47 -25.63 0.73
N THR A 35 -21.54 -25.50 1.50
CA THR A 35 -21.63 -26.12 2.82
C THR A 35 -21.40 -27.62 2.88
N SER A 36 -21.67 -28.32 1.77
CA SER A 36 -21.48 -29.77 1.74
C SER A 36 -20.01 -30.14 1.60
N GLU A 37 -19.17 -29.14 1.33
CA GLU A 37 -17.74 -29.36 1.16
C GLU A 37 -16.89 -28.68 2.23
N THR A 38 -17.53 -27.95 3.13
CA THR A 38 -16.80 -27.28 4.20
C THR A 38 -16.31 -28.33 5.18
N LYS A 39 -15.18 -28.07 5.82
CA LYS A 39 -14.61 -29.01 6.77
C LYS A 39 -14.59 -28.40 8.17
N HIS A 40 -15.33 -29.02 9.09
CA HIS A 40 -15.38 -28.53 10.46
C HIS A 40 -14.07 -28.76 11.18
N ASP A 41 -13.47 -27.67 11.68
CA ASP A 41 -12.20 -27.75 12.38
C ASP A 41 -12.42 -27.46 13.86
N THR A 42 -12.05 -28.41 14.71
CA THR A 42 -12.22 -28.24 16.15
C THR A 42 -11.13 -27.39 16.78
N SER A 43 -10.07 -27.10 16.02
CA SER A 43 -8.98 -26.28 16.52
C SER A 43 -9.31 -24.80 16.36
N LEU A 44 -10.46 -24.53 15.74
CA LEU A 44 -10.90 -23.15 15.53
C LEU A 44 -11.55 -22.59 16.79
N LYS A 45 -10.98 -21.51 17.31
CA LYS A 45 -11.53 -20.88 18.50
C LYS A 45 -12.55 -19.81 18.11
N PRO A 46 -13.39 -19.38 19.06
CA PRO A 46 -14.39 -18.37 18.76
C PRO A 46 -13.76 -17.04 18.34
N ILE A 47 -14.47 -16.28 17.53
CA ILE A 47 -13.98 -14.98 17.08
C ILE A 47 -14.14 -14.00 18.23
N SER A 48 -13.14 -13.16 18.43
CA SER A 48 -13.18 -12.17 19.49
C SER A 48 -12.83 -10.78 18.97
N VAL A 49 -13.79 -9.87 19.02
CA VAL A 49 -13.55 -8.50 18.58
C VAL A 49 -13.72 -7.53 19.73
N SER A 50 -12.79 -6.59 19.82
CA SER A 50 -12.82 -5.57 20.85
C SER A 50 -12.39 -4.25 20.21
N TYR A 51 -13.36 -3.45 19.80
CA TYR A 51 -13.07 -2.18 19.16
C TYR A 51 -13.37 -0.98 20.06
N ASN A 52 -12.49 0.02 19.99
CA ASN A 52 -12.65 1.25 20.77
C ASN A 52 -13.26 2.27 19.82
N PRO A 53 -14.46 2.79 20.16
CA PRO A 53 -15.10 3.78 19.28
C PRO A 53 -14.26 5.02 19.02
N ALA A 54 -13.30 5.28 19.91
CA ALA A 54 -12.43 6.44 19.77
C ALA A 54 -11.47 6.32 18.60
N THR A 55 -11.36 5.13 18.02
CA THR A 55 -10.44 4.92 16.90
C THR A 55 -11.07 5.28 15.56
N ALA A 56 -12.38 5.50 15.55
CA ALA A 56 -13.07 5.89 14.31
C ALA A 56 -12.42 7.20 13.89
N LYS A 57 -12.06 7.32 12.62
CA LYS A 57 -11.38 8.53 12.15
C LYS A 57 -12.01 9.34 11.02
N GLU A 58 -12.20 8.70 9.87
CA GLU A 58 -12.73 9.43 8.72
C GLU A 58 -13.45 8.55 7.71
N ILE A 59 -14.35 9.16 6.94
CA ILE A 59 -15.10 8.44 5.91
C ILE A 59 -14.70 9.09 4.58
N ILE A 60 -14.37 8.26 3.60
CA ILE A 60 -13.90 8.76 2.31
C ILE A 60 -14.57 8.14 1.08
N ASN A 61 -14.86 8.96 0.09
CA ASN A 61 -15.44 8.48 -1.16
C ASN A 61 -14.23 8.15 -2.04
N VAL A 62 -14.01 6.87 -2.31
CA VAL A 62 -12.87 6.47 -3.13
C VAL A 62 -13.21 6.17 -4.58
N GLY A 63 -14.30 6.76 -5.07
CA GLY A 63 -14.69 6.57 -6.46
C GLY A 63 -15.52 5.35 -6.79
N HIS A 64 -15.05 4.17 -6.38
CA HIS A 64 -15.75 2.93 -6.64
C HIS A 64 -16.51 2.44 -5.42
N SER A 65 -16.27 3.12 -4.30
CA SER A 65 -16.90 2.76 -3.04
C SER A 65 -16.58 3.86 -2.04
N PHE A 66 -16.83 3.59 -0.76
CA PHE A 66 -16.52 4.55 0.28
C PHE A 66 -15.94 3.76 1.45
N HIS A 67 -14.93 4.32 2.10
CA HIS A 67 -14.26 3.65 3.20
C HIS A 67 -14.37 4.42 4.51
N VAL A 68 -14.50 3.68 5.61
CA VAL A 68 -14.55 4.29 6.92
C VAL A 68 -13.27 3.82 7.60
N ASN A 69 -12.32 4.73 7.78
CA ASN A 69 -11.03 4.37 8.37
C ASN A 69 -10.89 4.60 9.86
N PHE A 70 -9.97 3.86 10.46
CA PHE A 70 -9.71 3.94 11.89
C PHE A 70 -8.25 4.18 12.19
N GLU A 71 -7.97 4.82 13.32
CA GLU A 71 -6.60 5.06 13.74
C GLU A 71 -6.03 3.69 14.07
N ASP A 72 -4.85 3.38 13.55
CA ASP A 72 -4.25 2.08 13.80
C ASP A 72 -2.82 2.19 14.32
N ASN A 73 -2.62 3.10 15.27
CA ASN A 73 -1.30 3.31 15.85
C ASN A 73 -1.04 2.41 17.07
N ASP A 74 -2.10 1.79 17.59
CA ASP A 74 -1.98 0.89 18.73
C ASP A 74 -3.08 -0.18 18.68
N ASN A 75 -3.12 -1.05 19.69
CA ASN A 75 -4.11 -2.11 19.72
C ASN A 75 -5.40 -1.80 20.49
N ARG A 76 -5.95 -0.61 20.29
CA ARG A 76 -7.18 -0.24 20.97
C ARG A 76 -8.36 -0.99 20.35
N SER A 77 -8.25 -1.31 19.06
CA SER A 77 -9.29 -2.04 18.35
C SER A 77 -8.66 -3.26 17.67
N VAL A 78 -8.94 -4.44 18.20
CA VAL A 78 -8.37 -5.66 17.66
C VAL A 78 -9.31 -6.84 17.47
N LEU A 79 -8.88 -7.76 16.62
CA LEU A 79 -9.60 -8.99 16.30
C LEU A 79 -8.69 -10.14 16.75
N LYS A 80 -9.26 -11.11 17.46
CA LYS A 80 -8.48 -12.24 17.93
C LYS A 80 -9.31 -13.51 17.87
N GLY A 81 -8.68 -14.64 18.20
CA GLY A 81 -9.39 -15.90 18.17
C GLY A 81 -9.52 -16.46 16.76
N GLY A 82 -10.52 -17.32 16.56
CA GLY A 82 -10.72 -17.92 15.26
C GLY A 82 -9.51 -18.75 14.87
N PRO A 83 -9.01 -18.59 13.64
CA PRO A 83 -7.84 -19.35 13.17
C PRO A 83 -6.54 -18.61 13.45
N PHE A 84 -6.64 -17.47 14.15
CA PHE A 84 -5.48 -16.65 14.44
C PHE A 84 -4.80 -16.89 15.78
N SER A 85 -3.49 -16.69 15.78
CA SER A 85 -2.68 -16.84 16.98
C SER A 85 -2.17 -15.43 17.28
N ASP A 86 -2.11 -14.61 16.24
CA ASP A 86 -1.67 -13.23 16.36
C ASP A 86 -2.87 -12.31 16.49
N SER A 87 -2.62 -11.09 16.93
CA SER A 87 -3.67 -10.10 17.10
C SER A 87 -3.71 -9.23 15.85
N TYR A 88 -4.90 -9.03 15.30
CA TYR A 88 -5.05 -8.20 14.11
C TYR A 88 -5.69 -6.87 14.47
N ARG A 89 -5.10 -5.79 13.95
CA ARG A 89 -5.55 -4.43 14.23
C ARG A 89 -6.54 -3.89 13.19
N LEU A 90 -7.67 -3.41 13.67
CA LEU A 90 -8.72 -2.84 12.82
C LEU A 90 -8.21 -1.59 12.11
N PHE A 91 -8.55 -1.43 10.83
CA PHE A 91 -8.14 -0.24 10.11
C PHE A 91 -9.22 0.31 9.18
N GLN A 92 -10.23 -0.49 8.87
CA GLN A 92 -11.28 -0.03 7.98
C GLN A 92 -12.44 -1.01 7.80
N PHE A 93 -13.58 -0.46 7.39
CA PHE A 93 -14.75 -1.25 7.08
C PHE A 93 -15.46 -0.54 5.94
N HIS A 94 -16.05 -1.33 5.04
CA HIS A 94 -16.74 -0.77 3.89
C HIS A 94 -17.75 -1.79 3.41
N PHE A 95 -18.47 -1.46 2.35
CA PHE A 95 -19.46 -2.36 1.80
C PHE A 95 -19.30 -2.56 0.30
N HIS A 96 -20.04 -3.55 -0.20
CA HIS A 96 -20.09 -3.88 -1.62
C HIS A 96 -21.58 -4.07 -1.88
N TRP A 97 -22.04 -3.67 -3.05
CA TRP A 97 -23.46 -3.82 -3.37
C TRP A 97 -23.61 -4.02 -4.87
N GLY A 98 -24.82 -4.36 -5.29
CA GLY A 98 -25.07 -4.58 -6.71
C GLY A 98 -26.01 -3.54 -7.30
N SER A 99 -26.29 -3.65 -8.59
N SER A 99 -26.28 -3.68 -8.59
CA SER A 99 -27.18 -2.72 -9.26
CA SER A 99 -27.18 -2.76 -9.28
C SER A 99 -28.61 -2.86 -8.76
C SER A 99 -28.61 -2.87 -8.78
N THR A 100 -28.98 -4.07 -8.35
CA THR A 100 -30.33 -4.33 -7.83
C THR A 100 -30.21 -5.24 -6.60
N ASN A 101 -31.31 -5.41 -5.88
CA ASN A 101 -31.31 -6.23 -4.68
C ASN A 101 -31.00 -7.71 -4.89
N GLU A 102 -31.28 -8.23 -6.07
CA GLU A 102 -31.06 -9.64 -6.32
C GLU A 102 -29.60 -10.08 -6.26
N HIS A 103 -28.67 -9.12 -6.34
CA HIS A 103 -27.25 -9.44 -6.24
C HIS A 103 -26.59 -8.27 -5.54
N GLY A 104 -25.32 -8.44 -5.14
CA GLY A 104 -24.63 -7.35 -4.46
C GLY A 104 -23.51 -7.84 -3.56
N SER A 105 -23.72 -8.99 -2.92
CA SER A 105 -22.70 -9.55 -2.04
C SER A 105 -21.56 -10.07 -2.92
N GLU A 106 -20.40 -10.29 -2.32
CA GLU A 106 -19.28 -10.80 -3.07
C GLU A 106 -19.23 -12.31 -2.86
N HIS A 107 -19.22 -12.73 -1.60
CA HIS A 107 -19.23 -14.16 -1.31
C HIS A 107 -20.68 -14.62 -1.47
N THR A 108 -20.84 -15.90 -1.78
CA THR A 108 -22.16 -16.48 -1.92
C THR A 108 -22.13 -17.78 -1.13
N VAL A 109 -23.30 -18.25 -0.71
CA VAL A 109 -23.37 -19.49 0.06
C VAL A 109 -24.28 -20.46 -0.67
N ASP A 110 -23.71 -21.58 -1.11
CA ASP A 110 -24.45 -22.59 -1.85
C ASP A 110 -25.14 -21.96 -3.05
N GLY A 111 -24.42 -21.05 -3.71
CA GLY A 111 -24.94 -20.39 -4.90
C GLY A 111 -25.88 -19.21 -4.67
N VAL A 112 -26.30 -18.99 -3.42
CA VAL A 112 -27.21 -17.89 -3.13
C VAL A 112 -26.50 -16.55 -3.01
N LYS A 113 -26.97 -15.57 -3.77
CA LYS A 113 -26.40 -14.24 -3.77
C LYS A 113 -27.24 -13.31 -2.90
N TYR A 114 -26.58 -12.49 -2.09
CA TYR A 114 -27.30 -11.57 -1.23
C TYR A 114 -27.20 -10.14 -1.77
N SER A 115 -27.92 -9.20 -1.15
CA SER A 115 -27.96 -7.82 -1.62
C SER A 115 -26.71 -6.99 -1.44
N ALA A 116 -25.93 -7.26 -0.40
CA ALA A 116 -24.70 -6.50 -0.16
C ALA A 116 -23.81 -7.29 0.79
N GLU A 117 -22.63 -6.74 1.08
CA GLU A 117 -21.71 -7.41 1.97
C GLU A 117 -20.88 -6.39 2.74
N LEU A 118 -20.71 -6.64 4.03
CA LEU A 118 -19.93 -5.77 4.88
C LEU A 118 -18.56 -6.39 5.09
N HIS A 119 -17.52 -5.57 4.98
CA HIS A 119 -16.16 -6.04 5.17
C HIS A 119 -15.47 -5.21 6.25
N VAL A 120 -14.96 -5.89 7.27
CA VAL A 120 -14.26 -5.22 8.36
C VAL A 120 -12.82 -5.74 8.25
N ALA A 121 -11.90 -4.87 7.82
CA ALA A 121 -10.51 -5.25 7.61
C ALA A 121 -9.54 -4.94 8.75
N HIS A 122 -8.57 -5.84 8.93
CA HIS A 122 -7.55 -5.70 9.97
C HIS A 122 -6.19 -6.14 9.40
N TRP A 123 -5.10 -5.69 10.03
CA TRP A 123 -3.77 -6.11 9.60
C TRP A 123 -2.98 -6.68 10.78
N ASN A 124 -2.10 -7.63 10.46
CA ASN A 124 -1.28 -8.31 11.46
C ASN A 124 -0.21 -7.42 12.08
N SER A 125 -0.52 -6.82 13.23
CA SER A 125 0.44 -5.96 13.92
C SER A 125 1.39 -6.72 14.83
N ALA A 126 1.20 -8.03 14.91
CA ALA A 126 2.06 -8.86 15.75
C ALA A 126 3.33 -9.19 14.98
N LYS A 127 3.19 -9.33 13.66
CA LYS A 127 4.30 -9.66 12.78
C LYS A 127 4.82 -8.46 11.98
N TYR A 128 3.93 -7.51 11.67
CA TYR A 128 4.33 -6.37 10.87
C TYR A 128 4.16 -5.01 11.57
N SER A 129 4.74 -3.97 10.99
CA SER A 129 4.69 -2.63 11.58
C SER A 129 3.70 -1.66 10.97
N SER A 130 3.11 -2.00 9.82
CA SER A 130 2.15 -1.10 9.19
C SER A 130 1.26 -1.83 8.19
N LEU A 131 0.17 -1.18 7.80
CA LEU A 131 -0.75 -1.75 6.83
C LEU A 131 -0.03 -1.97 5.51
N ALA A 132 0.73 -0.96 5.08
CA ALA A 132 1.48 -1.01 3.84
C ALA A 132 2.39 -2.22 3.77
N GLU A 133 3.04 -2.54 4.89
CA GLU A 133 3.93 -3.70 4.93
C GLU A 133 3.15 -5.00 4.93
N ALA A 134 2.11 -5.06 5.74
CA ALA A 134 1.28 -6.27 5.87
C ALA A 134 0.41 -6.62 4.68
N ALA A 135 -0.06 -5.61 3.95
CA ALA A 135 -0.95 -5.81 2.79
C ALA A 135 -0.51 -6.85 1.75
N SER A 136 0.79 -7.08 1.61
CA SER A 136 1.28 -8.03 0.62
C SER A 136 1.75 -9.36 1.20
N LYS A 137 1.63 -9.52 2.51
CA LYS A 137 2.04 -10.74 3.20
C LYS A 137 0.90 -11.74 3.25
N ALA A 138 1.21 -13.01 3.02
CA ALA A 138 0.20 -14.08 3.04
C ALA A 138 -0.64 -14.08 4.32
N ASP A 139 -0.02 -13.73 5.44
CA ASP A 139 -0.70 -13.70 6.73
C ASP A 139 -0.82 -12.28 7.24
N GLY A 140 -0.84 -11.32 6.31
CA GLY A 140 -0.91 -9.92 6.67
C GLY A 140 -2.27 -9.32 6.99
N LEU A 141 -3.32 -9.78 6.33
CA LEU A 141 -4.65 -9.21 6.58
C LEU A 141 -5.70 -10.20 7.00
N ALA A 142 -6.72 -9.68 7.68
CA ALA A 142 -7.84 -10.48 8.14
C ALA A 142 -9.10 -9.65 7.91
N VAL A 143 -10.06 -10.20 7.18
CA VAL A 143 -11.29 -9.47 6.90
C VAL A 143 -12.51 -10.28 7.28
N ILE A 144 -13.40 -9.66 8.04
CA ILE A 144 -14.64 -10.30 8.44
C ILE A 144 -15.69 -9.89 7.41
N GLY A 145 -16.34 -10.88 6.81
CA GLY A 145 -17.35 -10.59 5.82
C GLY A 145 -18.73 -10.94 6.35
N VAL A 146 -19.68 -10.03 6.20
CA VAL A 146 -21.03 -10.26 6.67
C VAL A 146 -22.00 -10.08 5.52
N LEU A 147 -22.77 -11.12 5.22
CA LEU A 147 -23.73 -11.07 4.13
C LEU A 147 -24.92 -10.24 4.56
N MET A 148 -25.38 -9.37 3.67
CA MET A 148 -26.52 -8.51 3.96
C MET A 148 -27.74 -8.89 3.11
N LYS A 149 -28.78 -9.36 3.79
CA LYS A 149 -30.01 -9.77 3.14
C LYS A 149 -31.04 -8.67 3.15
N VAL A 150 -31.55 -8.31 1.97
CA VAL A 150 -32.54 -7.25 1.87
C VAL A 150 -33.81 -7.61 2.64
N GLY A 151 -34.30 -6.64 3.42
CA GLY A 151 -35.50 -6.84 4.21
C GLY A 151 -35.74 -5.62 5.07
N GLU A 152 -35.87 -5.82 6.38
CA GLU A 152 -36.12 -4.72 7.32
C GLU A 152 -34.94 -3.75 7.34
N ALA A 153 -35.24 -2.47 7.53
CA ALA A 153 -34.20 -1.45 7.60
C ALA A 153 -33.32 -1.76 8.82
N ASN A 154 -32.01 -1.58 8.66
CA ASN A 154 -31.07 -1.84 9.75
C ASN A 154 -30.73 -0.52 10.44
N PRO A 155 -31.28 -0.28 11.64
CA PRO A 155 -31.00 0.96 12.37
C PRO A 155 -29.54 1.22 12.71
N LYS A 156 -28.75 0.16 12.89
CA LYS A 156 -27.35 0.32 13.25
C LYS A 156 -26.46 0.81 12.10
N LEU A 157 -27.07 1.01 10.94
CA LEU A 157 -26.35 1.52 9.77
C LEU A 157 -26.57 3.03 9.67
N GLN A 158 -27.44 3.55 10.53
CA GLN A 158 -27.81 4.97 10.54
C GLN A 158 -26.69 6.00 10.50
N LYS A 159 -25.73 5.90 11.42
CA LYS A 159 -24.64 6.88 11.42
C LYS A 159 -23.87 6.89 10.10
N VAL A 160 -23.65 5.70 9.54
CA VAL A 160 -22.93 5.57 8.28
C VAL A 160 -23.71 6.21 7.13
N LEU A 161 -24.99 5.87 7.03
CA LEU A 161 -25.84 6.40 5.97
C LEU A 161 -25.97 7.92 6.06
N ASP A 162 -26.11 8.45 7.27
CA ASP A 162 -26.25 9.90 7.47
C ASP A 162 -24.99 10.67 7.11
N ALA A 163 -23.86 9.97 7.01
CA ALA A 163 -22.59 10.62 6.70
C ALA A 163 -22.33 10.74 5.19
N LEU A 164 -22.99 9.90 4.41
CA LEU A 164 -22.80 9.90 2.97
C LEU A 164 -23.06 11.23 2.28
N GLN A 165 -23.99 12.03 2.80
CA GLN A 165 -24.29 13.31 2.18
C GLN A 165 -23.12 14.29 2.21
N ALA A 166 -22.11 13.99 3.02
CA ALA A 166 -20.94 14.84 3.14
C ALA A 166 -19.79 14.41 2.23
N ILE A 167 -19.93 13.23 1.63
CA ILE A 167 -18.89 12.69 0.74
C ILE A 167 -19.50 12.14 -0.56
N LYS A 168 -20.45 12.88 -1.11
CA LYS A 168 -21.15 12.47 -2.32
C LYS A 168 -20.28 12.20 -3.54
N THR A 169 -19.23 13.00 -3.74
CA THR A 169 -18.38 12.81 -4.91
C THR A 169 -16.97 12.31 -4.62
N LYS A 170 -16.34 11.75 -5.66
CA LYS A 170 -15.00 11.18 -5.58
C LYS A 170 -13.95 12.09 -4.93
N GLY A 171 -13.26 11.56 -3.93
CA GLY A 171 -12.23 12.33 -3.25
C GLY A 171 -12.66 13.03 -1.98
N LYS A 172 -13.95 13.34 -1.85
CA LYS A 172 -14.43 14.00 -0.65
C LYS A 172 -14.27 13.09 0.55
N ARG A 173 -13.92 13.69 1.68
CA ARG A 173 -13.72 12.97 2.92
C ARG A 173 -14.20 13.83 4.08
N ALA A 174 -14.57 13.19 5.18
CA ALA A 174 -15.05 13.92 6.33
C ALA A 174 -14.82 13.15 7.62
N PRO A 175 -14.77 13.86 8.75
CA PRO A 175 -14.57 13.21 10.04
C PRO A 175 -15.71 12.24 10.34
N PHE A 176 -15.34 11.05 10.81
CA PHE A 176 -16.32 10.04 11.17
C PHE A 176 -15.76 9.50 12.50
N THR A 177 -16.33 9.96 13.60
CA THR A 177 -15.82 9.57 14.91
C THR A 177 -16.82 8.90 15.85
N ASN A 178 -16.27 8.40 16.96
CA ASN A 178 -17.04 7.75 18.00
C ASN A 178 -17.99 6.68 17.46
N PHE A 179 -17.43 5.66 16.83
CA PHE A 179 -18.22 4.56 16.27
C PHE A 179 -17.51 3.21 16.41
N ASP A 180 -18.24 2.23 16.93
CA ASP A 180 -17.73 0.87 17.12
C ASP A 180 -18.39 -0.03 16.08
N PRO A 181 -17.63 -0.43 15.04
CA PRO A 181 -18.18 -1.30 14.00
C PRO A 181 -18.63 -2.68 14.44
N SER A 182 -18.32 -3.07 15.67
CA SER A 182 -18.74 -4.39 16.14
C SER A 182 -20.26 -4.42 16.25
N THR A 183 -20.86 -3.23 16.33
CA THR A 183 -22.32 -3.11 16.44
C THR A 183 -23.00 -3.51 15.13
N LEU A 184 -22.23 -3.65 14.07
CA LEU A 184 -22.76 -4.02 12.76
C LEU A 184 -22.74 -5.51 12.52
N LEU A 185 -21.99 -6.24 13.34
CA LEU A 185 -21.87 -7.68 13.21
C LEU A 185 -23.13 -8.40 13.70
N PRO A 186 -23.39 -9.61 13.19
CA PRO A 186 -24.57 -10.38 13.59
C PRO A 186 -24.44 -10.88 15.03
N SER A 187 -25.58 -11.23 15.63
CA SER A 187 -25.60 -11.72 17.01
C SER A 187 -24.68 -12.93 17.20
N SER A 188 -24.70 -13.84 16.23
CA SER A 188 -23.87 -15.03 16.29
C SER A 188 -22.62 -14.82 15.46
N LEU A 189 -21.48 -15.27 15.97
CA LEU A 189 -20.23 -15.11 15.24
C LEU A 189 -19.71 -16.42 14.64
N ASP A 190 -20.59 -17.40 14.47
CA ASP A 190 -20.18 -18.66 13.86
C ASP A 190 -19.64 -18.25 12.49
N PHE A 191 -18.59 -18.92 12.01
CA PHE A 191 -18.01 -18.51 10.75
C PHE A 191 -17.38 -19.61 9.89
N TRP A 192 -17.00 -19.19 8.70
CA TRP A 192 -16.31 -20.03 7.72
C TRP A 192 -15.01 -19.28 7.51
N THR A 193 -13.93 -19.99 7.21
CA THR A 193 -12.66 -19.32 6.99
C THR A 193 -11.86 -20.02 5.89
N TYR A 194 -11.13 -19.23 5.12
CA TYR A 194 -10.32 -19.77 4.04
C TYR A 194 -9.29 -18.72 3.64
N PRO A 195 -8.14 -19.16 3.09
CA PRO A 195 -7.09 -18.23 2.67
C PRO A 195 -7.45 -17.60 1.33
N GLY A 196 -7.55 -16.27 1.28
CA GLY A 196 -7.92 -15.60 0.05
C GLY A 196 -7.15 -14.34 -0.31
N SER A 197 -7.84 -13.39 -0.91
CA SER A 197 -7.22 -12.14 -1.34
C SER A 197 -8.13 -10.93 -1.20
N LEU A 198 -7.60 -9.78 -1.59
CA LEU A 198 -8.37 -8.54 -1.61
C LEU A 198 -9.30 -8.79 -2.79
N THR A 199 -10.54 -8.31 -2.70
CA THR A 199 -11.48 -8.57 -3.79
C THR A 199 -11.40 -7.63 -4.98
N HIS A 200 -10.48 -6.67 -4.93
CA HIS A 200 -10.25 -5.75 -6.04
C HIS A 200 -8.79 -5.33 -6.05
N PRO A 201 -8.32 -4.78 -7.18
CA PRO A 201 -6.91 -4.37 -7.26
C PRO A 201 -6.45 -3.64 -6.00
N PRO A 202 -5.20 -3.90 -5.56
CA PRO A 202 -4.17 -4.78 -6.13
C PRO A 202 -4.39 -6.30 -6.06
N LEU A 203 -5.50 -6.73 -5.46
CA LEU A 203 -5.80 -8.16 -5.38
C LEU A 203 -4.78 -9.06 -4.66
N TYR A 204 -4.01 -8.51 -3.73
CA TYR A 204 -3.02 -9.31 -3.03
C TYR A 204 -3.63 -10.51 -2.31
N GLU A 205 -2.99 -11.66 -2.44
CA GLU A 205 -3.49 -12.88 -1.79
C GLU A 205 -2.88 -12.90 -0.38
N SER A 206 -3.34 -11.94 0.43
CA SER A 206 -2.86 -11.74 1.79
C SER A 206 -3.99 -11.74 2.82
N VAL A 207 -5.17 -12.19 2.42
CA VAL A 207 -6.30 -12.16 3.33
C VAL A 207 -6.80 -13.48 3.88
N THR A 208 -6.95 -13.54 5.20
CA THR A 208 -7.51 -14.71 5.85
C THR A 208 -8.96 -14.28 6.05
N TRP A 209 -9.87 -14.91 5.31
CA TRP A 209 -11.27 -14.53 5.40
C TRP A 209 -12.05 -15.18 6.52
N ILE A 210 -12.93 -14.39 7.11
CA ILE A 210 -13.81 -14.84 8.19
C ILE A 210 -15.21 -14.45 7.73
N ILE A 211 -15.96 -15.42 7.20
CA ILE A 211 -17.30 -15.18 6.72
C ILE A 211 -18.34 -15.64 7.74
N CYS A 212 -19.18 -14.71 8.20
CA CYS A 212 -20.20 -15.04 9.18
C CYS A 212 -21.34 -15.87 8.57
N LYS A 213 -21.81 -16.83 9.34
CA LYS A 213 -22.89 -17.72 8.93
C LYS A 213 -24.21 -16.96 8.94
N GLU A 214 -24.38 -16.11 9.95
CA GLU A 214 -25.59 -15.33 10.11
C GLU A 214 -25.49 -14.02 9.31
N SER A 215 -26.58 -13.66 8.65
CA SER A 215 -26.64 -12.45 7.87
C SER A 215 -27.21 -11.32 8.72
N ILE A 216 -27.08 -10.09 8.22
CA ILE A 216 -27.66 -8.94 8.89
C ILE A 216 -28.60 -8.36 7.84
N SER A 217 -29.56 -7.55 8.27
N SER A 217 -29.56 -7.55 8.27
CA SER A 217 -30.52 -6.97 7.34
CA SER A 217 -30.54 -6.97 7.36
C SER A 217 -30.11 -5.61 6.80
C SER A 217 -30.14 -5.59 6.82
N VAL A 218 -30.85 -5.18 5.77
CA VAL A 218 -30.63 -3.89 5.13
C VAL A 218 -31.86 -3.71 4.24
N SER A 219 -32.44 -2.51 4.23
CA SER A 219 -33.63 -2.27 3.42
C SER A 219 -33.30 -1.85 1.99
N SER A 220 -34.30 -1.92 1.12
N SER A 220 -34.30 -1.92 1.12
CA SER A 220 -34.14 -1.55 -0.27
CA SER A 220 -34.13 -1.55 -0.28
C SER A 220 -33.73 -0.09 -0.38
C SER A 220 -33.73 -0.08 -0.39
N GLU A 221 -34.29 0.75 0.49
CA GLU A 221 -33.99 2.18 0.50
C GLU A 221 -32.58 2.48 0.99
N GLN A 222 -32.08 1.67 1.93
CA GLN A 222 -30.74 1.88 2.45
C GLN A 222 -29.72 1.53 1.37
N LEU A 223 -30.00 0.50 0.59
CA LEU A 223 -29.13 0.10 -0.49
C LEU A 223 -29.13 1.20 -1.55
N ALA A 224 -30.29 1.82 -1.73
CA ALA A 224 -30.44 2.91 -2.70
C ALA A 224 -29.51 4.06 -2.33
N GLN A 225 -29.27 4.23 -1.04
CA GLN A 225 -28.40 5.28 -0.57
C GLN A 225 -26.96 5.01 -1.02
N PHE A 226 -26.54 3.75 -0.94
CA PHE A 226 -25.20 3.39 -1.37
C PHE A 226 -25.05 3.70 -2.86
N ARG A 227 -26.07 3.30 -3.63
CA ARG A 227 -26.06 3.51 -5.07
C ARG A 227 -26.19 4.97 -5.47
N SER A 228 -26.56 5.84 -4.54
CA SER A 228 -26.71 7.25 -4.86
C SER A 228 -25.39 8.00 -4.74
N LEU A 229 -24.35 7.32 -4.24
CA LEU A 229 -23.04 7.94 -4.14
C LEU A 229 -22.54 8.14 -5.57
N LEU A 230 -21.74 9.17 -5.78
CA LEU A 230 -21.24 9.47 -7.11
C LEU A 230 -19.76 9.12 -7.27
N SER A 231 -19.42 8.53 -8.42
CA SER A 231 -18.05 8.13 -8.70
C SER A 231 -17.25 9.24 -9.39
N ASN A 232 -17.96 10.27 -9.85
CA ASN A 232 -17.32 11.40 -10.53
C ASN A 232 -16.87 12.43 -9.49
N VAL A 233 -16.03 13.37 -9.91
CA VAL A 233 -15.57 14.42 -9.02
C VAL A 233 -16.58 15.56 -9.08
N GLU A 234 -16.59 16.41 -8.05
CA GLU A 234 -17.51 17.52 -7.99
C GLU A 234 -17.45 18.41 -9.23
N GLY A 235 -18.62 18.74 -9.78
CA GLY A 235 -18.67 19.58 -10.96
C GLY A 235 -18.92 18.82 -12.25
N ASP A 236 -18.48 17.57 -12.30
CA ASP A 236 -18.67 16.75 -13.50
C ASP A 236 -20.06 16.13 -13.53
N ASN A 237 -20.45 15.58 -14.68
CA ASN A 237 -21.76 14.95 -14.81
C ASN A 237 -21.84 13.82 -13.80
N ALA A 238 -22.95 13.78 -13.06
CA ALA A 238 -23.15 12.75 -12.04
C ALA A 238 -23.09 11.33 -12.60
N VAL A 239 -22.34 10.48 -11.91
CA VAL A 239 -22.19 9.08 -12.29
C VAL A 239 -22.38 8.23 -11.03
N PRO A 240 -23.59 7.70 -10.81
CA PRO A 240 -23.88 6.88 -9.63
C PRO A 240 -23.03 5.61 -9.49
N MET A 241 -22.74 5.26 -8.25
CA MET A 241 -21.96 4.06 -7.93
C MET A 241 -22.95 2.89 -7.95
N GLN A 242 -23.32 2.45 -9.15
CA GLN A 242 -24.27 1.36 -9.29
C GLN A 242 -23.90 0.04 -8.62
N HIS A 243 -22.65 -0.37 -8.74
CA HIS A 243 -22.22 -1.63 -8.17
C HIS A 243 -20.70 -1.71 -8.00
N ASN A 244 -20.27 -2.64 -7.16
CA ASN A 244 -18.84 -2.82 -6.91
C ASN A 244 -18.51 -4.20 -6.34
N ASN A 245 -19.29 -5.20 -6.71
CA ASN A 245 -19.03 -6.56 -6.24
C ASN A 245 -18.40 -7.43 -7.31
N ARG A 246 -17.36 -8.17 -6.93
CA ARG A 246 -16.64 -9.05 -7.85
C ARG A 246 -17.28 -10.43 -7.89
N PRO A 247 -17.29 -11.06 -9.07
CA PRO A 247 -17.89 -12.40 -9.19
C PRO A 247 -17.05 -13.38 -8.35
N THR A 248 -17.63 -14.50 -7.96
CA THR A 248 -16.89 -15.49 -7.18
C THR A 248 -15.82 -16.15 -8.03
N GLN A 249 -14.70 -16.50 -7.40
CA GLN A 249 -13.57 -17.11 -8.09
C GLN A 249 -13.35 -18.58 -7.73
N PRO A 250 -12.64 -19.33 -8.59
CA PRO A 250 -12.35 -20.75 -8.38
C PRO A 250 -11.62 -21.02 -7.06
N LEU A 251 -12.07 -22.03 -6.34
CA LEU A 251 -11.47 -22.39 -5.06
C LEU A 251 -10.04 -22.92 -5.25
N LYS A 252 -9.79 -23.51 -6.41
CA LYS A 252 -8.47 -24.04 -6.74
C LYS A 252 -7.85 -24.94 -5.66
N GLY A 253 -8.63 -25.89 -5.17
CA GLY A 253 -8.12 -26.81 -4.15
C GLY A 253 -8.17 -26.33 -2.72
N ARG A 254 -8.46 -25.05 -2.51
CA ARG A 254 -8.54 -24.52 -1.16
C ARG A 254 -9.68 -25.17 -0.39
N THR A 255 -9.53 -25.23 0.93
CA THR A 255 -10.55 -25.82 1.79
C THR A 255 -11.17 -24.75 2.67
N VAL A 256 -12.49 -24.70 2.69
CA VAL A 256 -13.21 -23.74 3.51
C VAL A 256 -13.54 -24.46 4.81
N ARG A 257 -13.05 -23.93 5.93
CA ARG A 257 -13.30 -24.53 7.23
C ARG A 257 -14.46 -23.87 7.94
N ALA A 258 -15.22 -24.67 8.70
CA ALA A 258 -16.36 -24.18 9.44
C ALA A 258 -16.08 -24.25 10.94
N SER A 259 -16.50 -23.23 11.67
CA SER A 259 -16.29 -23.19 13.11
C SER A 259 -17.47 -23.84 13.81
N PHE A 260 -18.46 -24.25 13.04
CA PHE A 260 -19.66 -24.87 13.57
C PHE A 260 -19.98 -26.20 12.88
N ASP B 4 7.68 -12.46 -4.69
CA ASP B 4 7.84 -13.22 -5.97
C ASP B 4 8.73 -12.44 -6.94
N TRP B 5 9.51 -11.50 -6.41
CA TRP B 5 10.41 -10.70 -7.22
C TRP B 5 11.70 -10.39 -6.47
N GLY B 6 12.75 -10.09 -7.23
CA GLY B 6 14.04 -9.78 -6.63
C GLY B 6 14.94 -9.11 -7.64
N TYR B 7 16.23 -9.34 -7.52
CA TYR B 7 17.21 -8.76 -8.43
C TYR B 7 18.08 -9.85 -9.04
N ASP B 8 17.71 -11.10 -8.80
CA ASP B 8 18.43 -12.24 -9.33
C ASP B 8 18.03 -12.43 -10.79
N ASP B 9 18.75 -13.30 -11.49
CA ASP B 9 18.44 -13.55 -12.89
C ASP B 9 17.07 -14.19 -13.11
N LYS B 10 16.62 -14.97 -12.13
CA LYS B 10 15.32 -15.63 -12.22
C LYS B 10 14.12 -14.75 -11.88
N ASN B 11 14.32 -13.75 -11.02
CA ASN B 11 13.23 -12.86 -10.62
C ASN B 11 13.59 -11.38 -10.71
N GLY B 12 14.64 -11.06 -11.47
CA GLY B 12 15.08 -9.69 -11.61
C GLY B 12 14.26 -8.75 -12.48
N PRO B 13 14.70 -7.49 -12.61
CA PRO B 13 14.06 -6.43 -13.39
C PRO B 13 13.70 -6.85 -14.81
N GLU B 14 14.53 -7.70 -15.40
CA GLU B 14 14.31 -8.18 -16.76
C GLU B 14 12.97 -8.88 -16.96
N GLN B 15 12.46 -9.50 -15.91
CA GLN B 15 11.19 -10.21 -16.03
C GLN B 15 10.10 -9.80 -15.03
N TRP B 16 10.23 -8.61 -14.46
CA TRP B 16 9.23 -8.11 -13.51
C TRP B 16 7.89 -7.90 -14.22
N SER B 17 7.94 -7.61 -15.51
CA SER B 17 6.73 -7.37 -16.30
C SER B 17 5.76 -8.55 -16.30
N LYS B 18 6.27 -9.76 -16.08
CA LYS B 18 5.42 -10.94 -16.06
C LYS B 18 4.36 -10.85 -14.96
N LEU B 19 4.77 -10.40 -13.79
CA LEU B 19 3.84 -10.27 -12.65
C LEU B 19 3.36 -8.84 -12.49
N TYR B 20 4.13 -7.89 -13.00
CA TYR B 20 3.76 -6.47 -12.92
C TYR B 20 3.90 -5.84 -14.29
N PRO B 21 2.85 -5.95 -15.13
CA PRO B 21 2.82 -5.40 -16.48
C PRO B 21 3.21 -3.93 -16.59
N ILE B 22 2.93 -3.15 -15.54
CA ILE B 22 3.26 -1.72 -15.55
C ILE B 22 4.75 -1.48 -15.70
N ALA B 23 5.56 -2.53 -15.55
CA ALA B 23 7.01 -2.42 -15.67
C ALA B 23 7.41 -1.90 -17.05
N ASN B 24 6.54 -2.11 -18.03
CA ASN B 24 6.78 -1.68 -19.39
C ASN B 24 5.96 -0.41 -19.71
N GLY B 25 5.59 0.32 -18.65
CA GLY B 25 4.81 1.54 -18.81
C GLY B 25 5.55 2.71 -19.42
N ASN B 26 4.87 3.86 -19.52
CA ASN B 26 5.45 5.06 -20.09
C ASN B 26 6.01 6.05 -19.08
N ASN B 27 5.91 5.71 -17.79
CA ASN B 27 6.41 6.59 -16.73
C ASN B 27 7.24 5.81 -15.73
N GLN B 28 8.09 4.92 -16.22
CA GLN B 28 8.93 4.10 -15.37
C GLN B 28 10.26 4.74 -14.96
N SER B 29 10.71 4.39 -13.76
CA SER B 29 11.97 4.90 -13.21
C SER B 29 12.86 3.72 -12.83
N PRO B 30 14.19 3.93 -12.75
CA PRO B 30 14.89 5.20 -12.94
C PRO B 30 15.11 5.51 -14.42
N VAL B 31 15.70 6.66 -14.70
CA VAL B 31 15.99 7.07 -16.06
C VAL B 31 17.35 7.72 -16.13
N ASP B 32 17.89 7.84 -17.34
CA ASP B 32 19.16 8.51 -17.51
C ASP B 32 18.85 9.98 -17.73
N ILE B 33 19.59 10.85 -17.08
CA ILE B 33 19.38 12.27 -17.22
C ILE B 33 20.39 12.83 -18.21
N LYS B 34 19.91 13.17 -19.39
CA LYS B 34 20.76 13.74 -20.43
C LYS B 34 20.75 15.26 -20.26
N THR B 35 21.83 15.79 -19.70
CA THR B 35 21.94 17.22 -19.44
C THR B 35 21.62 18.11 -20.64
N SER B 36 22.04 17.70 -21.83
CA SER B 36 21.78 18.49 -23.03
C SER B 36 20.31 18.45 -23.43
N GLU B 37 19.54 17.60 -22.77
CA GLU B 37 18.12 17.45 -23.07
C GLU B 37 17.21 18.06 -22.01
N THR B 38 17.77 18.43 -20.87
CA THR B 38 16.97 19.02 -19.81
C THR B 38 16.49 20.42 -20.17
N LYS B 39 15.33 20.79 -19.64
CA LYS B 39 14.75 22.10 -19.90
C LYS B 39 14.59 22.88 -18.61
N HIS B 40 15.08 24.12 -18.59
CA HIS B 40 14.96 24.93 -17.39
C HIS B 40 13.55 25.48 -17.28
N ASP B 41 12.94 25.27 -16.12
CA ASP B 41 11.58 25.72 -15.85
C ASP B 41 11.63 26.77 -14.75
N THR B 42 11.29 28.02 -15.09
CA THR B 42 11.32 29.11 -14.13
C THR B 42 10.29 28.96 -13.01
N SER B 43 9.32 28.09 -13.18
CA SER B 43 8.29 27.89 -12.17
C SER B 43 8.75 26.98 -11.04
N LEU B 44 9.93 26.39 -11.19
CA LEU B 44 10.46 25.50 -10.16
C LEU B 44 11.08 26.27 -9.01
N LYS B 45 10.44 26.18 -7.84
CA LYS B 45 10.92 26.85 -6.64
C LYS B 45 11.99 26.00 -5.96
N PRO B 46 12.75 26.61 -5.04
CA PRO B 46 13.79 25.85 -4.35
C PRO B 46 13.15 24.75 -3.50
N ILE B 47 13.90 23.68 -3.25
CA ILE B 47 13.39 22.59 -2.44
C ILE B 47 13.46 22.98 -0.97
N SER B 48 12.40 22.69 -0.22
CA SER B 48 12.36 23.00 1.19
C SER B 48 12.05 21.76 2.00
N VAL B 49 13.04 21.29 2.74
CA VAL B 49 12.86 20.13 3.59
C VAL B 49 12.94 20.53 5.06
N SER B 50 11.87 20.23 5.78
CA SER B 50 11.79 20.55 7.19
C SER B 50 11.35 19.29 7.92
N TYR B 51 12.33 18.50 8.33
CA TYR B 51 12.04 17.25 9.03
C TYR B 51 12.20 17.40 10.54
N ASN B 52 11.45 16.60 11.27
CA ASN B 52 11.48 16.60 12.73
C ASN B 52 12.20 15.30 13.11
N PRO B 53 13.38 15.41 13.74
CA PRO B 53 14.12 14.20 14.12
C PRO B 53 13.33 13.23 14.98
N ALA B 54 12.29 13.73 15.64
CA ALA B 54 11.47 12.89 16.51
C ALA B 54 10.54 11.95 15.74
N THR B 55 10.45 12.14 14.42
CA THR B 55 9.60 11.27 13.61
C THR B 55 10.28 9.97 13.21
N ALA B 56 11.58 9.88 13.43
CA ALA B 56 12.33 8.66 13.12
C ALA B 56 11.68 7.56 13.95
N LYS B 57 11.46 6.40 13.33
CA LYS B 57 10.79 5.32 14.05
C LYS B 57 11.44 3.94 14.08
N GLU B 58 11.67 3.35 12.91
CA GLU B 58 12.22 2.00 12.87
C GLU B 58 13.05 1.68 11.63
N ILE B 59 14.02 0.78 11.79
CA ILE B 59 14.84 0.35 10.66
C ILE B 59 14.46 -1.12 10.46
N ILE B 60 14.29 -1.54 9.21
N ILE B 60 14.35 -1.51 9.19
CA ILE B 60 13.89 -2.92 8.95
CA ILE B 60 13.91 -2.85 8.80
C ILE B 60 14.58 -3.53 7.73
C ILE B 60 14.68 -3.52 7.70
N ASN B 61 14.88 -4.83 7.81
CA ASN B 61 15.53 -5.57 6.73
C ASN B 61 14.36 -6.13 5.93
N VAL B 62 14.20 -5.67 4.70
CA VAL B 62 13.09 -6.15 3.87
C VAL B 62 13.49 -7.17 2.82
N GLY B 63 14.60 -7.87 3.08
CA GLY B 63 15.05 -8.91 2.15
C GLY B 63 15.92 -8.46 0.99
N HIS B 64 15.43 -7.49 0.22
CA HIS B 64 16.15 -6.98 -0.94
C HIS B 64 16.87 -5.67 -0.62
N SER B 65 16.59 -5.13 0.56
CA SER B 65 17.18 -3.88 0.99
C SER B 65 16.79 -3.68 2.44
N PHE B 66 17.01 -2.48 2.96
CA PHE B 66 16.63 -2.17 4.33
C PHE B 66 16.01 -0.78 4.29
N HIS B 67 14.97 -0.57 5.10
CA HIS B 67 14.28 0.70 5.13
C HIS B 67 14.31 1.37 6.50
N VAL B 68 14.41 2.69 6.51
CA VAL B 68 14.36 3.44 7.75
C VAL B 68 13.04 4.20 7.64
N ASN B 69 12.06 3.80 8.45
CA ASN B 69 10.74 4.42 8.39
C ASN B 69 10.49 5.48 9.44
N PHE B 70 9.57 6.39 9.13
CA PHE B 70 9.22 7.48 10.02
C PHE B 70 7.73 7.52 10.35
N GLU B 71 7.39 8.10 11.49
CA GLU B 71 6.01 8.24 11.90
C GLU B 71 5.41 9.22 10.89
N ASP B 72 4.31 8.84 10.25
CA ASP B 72 3.70 9.70 9.24
C ASP B 72 2.22 9.96 9.49
N ASN B 73 1.84 10.09 10.75
CA ASN B 73 0.46 10.35 11.12
C ASN B 73 0.10 11.85 11.08
N ASP B 74 1.12 12.69 11.03
CA ASP B 74 0.92 14.14 10.96
C ASP B 74 2.00 14.77 10.06
N ASN B 75 1.93 16.09 9.88
CA ASN B 75 2.89 16.79 9.03
C ASN B 75 4.09 17.41 9.73
N ARG B 76 4.63 16.73 10.75
CA ARG B 76 5.79 17.26 11.47
C ARG B 76 7.02 17.31 10.55
N SER B 77 7.15 16.32 9.67
CA SER B 77 8.26 16.27 8.72
C SER B 77 7.71 16.35 7.31
N VAL B 78 8.02 17.44 6.61
CA VAL B 78 7.50 17.60 5.25
C VAL B 78 8.47 18.17 4.23
N LEU B 79 8.14 17.89 2.97
CA LEU B 79 8.89 18.36 1.82
C LEU B 79 7.97 19.31 1.08
N LYS B 80 8.48 20.47 0.69
CA LYS B 80 7.68 21.44 -0.04
C LYS B 80 8.57 22.22 -1.00
N GLY B 81 7.93 23.00 -1.87
CA GLY B 81 8.69 23.77 -2.84
C GLY B 81 8.90 22.95 -4.10
N GLY B 82 9.92 23.30 -4.87
CA GLY B 82 10.18 22.57 -6.10
C GLY B 82 9.00 22.66 -7.05
N PRO B 83 8.54 21.52 -7.59
CA PRO B 83 7.41 21.46 -8.52
C PRO B 83 6.07 21.29 -7.80
N PHE B 84 6.10 21.30 -6.47
CA PHE B 84 4.91 21.10 -5.68
C PHE B 84 4.21 22.36 -5.20
N SER B 85 2.89 22.28 -5.09
CA SER B 85 2.07 23.39 -4.61
C SER B 85 1.64 23.07 -3.18
N ASP B 86 1.68 21.78 -2.84
N ASP B 86 1.68 21.79 -2.84
CA ASP B 86 1.30 21.33 -1.50
CA ASP B 86 1.31 21.31 -1.51
C ASP B 86 2.47 20.58 -0.87
C ASP B 86 2.48 20.60 -0.86
N SER B 87 2.37 20.34 0.43
CA SER B 87 3.42 19.65 1.17
C SER B 87 3.31 18.14 1.11
N TYR B 88 4.46 17.46 1.14
CA TYR B 88 4.50 16.01 1.11
C TYR B 88 5.09 15.53 2.43
N ARG B 89 4.51 14.48 2.99
CA ARG B 89 4.93 13.93 4.27
C ARG B 89 5.98 12.83 4.17
N LEU B 90 7.09 13.02 4.88
CA LEU B 90 8.20 12.06 4.90
C LEU B 90 7.74 10.76 5.54
N PHE B 91 8.14 9.63 4.94
CA PHE B 91 7.77 8.33 5.52
C PHE B 91 8.90 7.31 5.49
N GLN B 92 9.94 7.56 4.71
CA GLN B 92 11.03 6.61 4.64
C GLN B 92 12.22 7.07 3.78
N PHE B 93 13.37 6.46 4.04
CA PHE B 93 14.57 6.71 3.27
C PHE B 93 15.32 5.39 3.25
N HIS B 94 15.99 5.11 2.13
CA HIS B 94 16.72 3.87 1.98
C HIS B 94 17.77 4.06 0.89
N PHE B 95 18.51 3.01 0.58
CA PHE B 95 19.53 3.09 -0.44
C PHE B 95 19.45 1.97 -1.47
N HIS B 96 20.23 2.14 -2.52
CA HIS B 96 20.35 1.18 -3.61
C HIS B 96 21.84 1.11 -3.87
N TRP B 97 22.35 -0.08 -4.14
CA TRP B 97 23.77 -0.25 -4.40
C TRP B 97 23.99 -1.37 -5.40
N GLY B 98 25.22 -1.51 -5.88
CA GLY B 98 25.53 -2.54 -6.84
C GLY B 98 26.50 -3.57 -6.31
N SER B 99 26.83 -4.56 -7.14
N SER B 99 26.84 -4.54 -7.15
CA SER B 99 27.75 -5.62 -6.75
CA SER B 99 27.75 -5.62 -6.78
C SER B 99 29.19 -5.12 -6.63
C SER B 99 29.19 -5.12 -6.63
N THR B 100 29.50 -4.02 -7.32
CA THR B 100 30.83 -3.43 -7.26
C THR B 100 30.69 -1.92 -7.11
N ASN B 101 31.80 -1.22 -6.90
CA ASN B 101 31.75 0.23 -6.75
C ASN B 101 31.52 0.90 -8.10
N GLU B 102 31.90 0.20 -9.17
CA GLU B 102 31.75 0.70 -10.53
C GLU B 102 30.31 0.99 -10.93
N HIS B 103 29.36 0.47 -10.15
CA HIS B 103 27.94 0.68 -10.42
C HIS B 103 27.15 0.45 -9.15
N GLY B 104 25.97 1.05 -9.07
CA GLY B 104 25.14 0.88 -7.89
C GLY B 104 23.96 1.83 -7.83
N SER B 105 24.10 2.98 -8.47
CA SER B 105 23.02 3.96 -8.49
C SER B 105 21.92 3.48 -9.44
N GLU B 106 20.75 4.10 -9.32
CA GLU B 106 19.63 3.74 -10.19
C GLU B 106 19.57 4.77 -11.31
N HIS B 107 19.54 6.04 -10.95
CA HIS B 107 19.55 7.08 -11.96
C HIS B 107 20.98 7.27 -12.43
N THR B 108 21.13 7.73 -13.67
CA THR B 108 22.45 7.97 -14.24
C THR B 108 22.41 9.35 -14.86
N VAL B 109 23.58 9.96 -15.01
CA VAL B 109 23.66 11.28 -15.60
C VAL B 109 24.57 11.22 -16.82
N ASP B 110 23.99 11.45 -17.98
CA ASP B 110 24.72 11.41 -19.24
C ASP B 110 25.37 10.04 -19.43
N GLY B 111 24.64 9.00 -19.01
CA GLY B 111 25.14 7.64 -19.16
C GLY B 111 26.08 7.17 -18.06
N VAL B 112 26.48 8.07 -17.18
CA VAL B 112 27.40 7.72 -16.10
C VAL B 112 26.68 7.19 -14.86
N LYS B 113 27.08 6.02 -14.40
CA LYS B 113 26.47 5.42 -13.22
C LYS B 113 27.35 5.64 -11.99
N TYR B 114 26.71 5.90 -10.85
CA TYR B 114 27.41 6.13 -9.60
C TYR B 114 27.45 4.85 -8.75
N SER B 115 28.13 4.92 -7.62
CA SER B 115 28.30 3.78 -6.73
C SER B 115 27.03 3.36 -5.98
N ALA B 116 26.21 4.33 -5.61
CA ALA B 116 24.97 4.04 -4.89
C ALA B 116 24.00 5.21 -4.99
N GLU B 117 22.83 5.07 -4.39
CA GLU B 117 21.84 6.13 -4.43
C GLU B 117 20.97 6.14 -3.17
N LEU B 118 20.69 7.35 -2.70
CA LEU B 118 19.87 7.55 -1.52
C LEU B 118 18.49 8.01 -1.96
N HIS B 119 17.45 7.43 -1.37
CA HIS B 119 16.09 7.80 -1.69
C HIS B 119 15.34 8.21 -0.43
N VAL B 120 14.78 9.41 -0.46
CA VAL B 120 14.01 9.92 0.67
C VAL B 120 12.59 10.07 0.15
N ALA B 121 11.70 9.20 0.60
CA ALA B 121 10.31 9.17 0.13
C ALA B 121 9.28 9.91 0.97
N HIS B 122 8.31 10.51 0.28
CA HIS B 122 7.23 11.27 0.92
C HIS B 122 5.92 10.98 0.20
N TRP B 123 4.79 11.27 0.85
CA TRP B 123 3.49 11.09 0.22
C TRP B 123 2.61 12.33 0.39
N ASN B 124 1.72 12.54 -0.57
CA ASN B 124 0.83 13.70 -0.60
C ASN B 124 -0.27 13.69 0.47
N SER B 125 0.01 14.31 1.61
CA SER B 125 -0.95 14.37 2.71
C SER B 125 -1.97 15.49 2.55
N ALA B 126 -1.80 16.32 1.53
CA ALA B 126 -2.73 17.42 1.28
C ALA B 126 -3.95 16.92 0.53
N LYS B 127 -3.75 15.92 -0.31
CA LYS B 127 -4.83 15.36 -1.10
C LYS B 127 -5.29 13.98 -0.62
N TYR B 128 -4.39 13.24 0.01
CA TYR B 128 -4.72 11.91 0.50
C TYR B 128 -4.57 11.78 2.00
N SER B 129 -5.14 10.72 2.58
CA SER B 129 -5.10 10.52 4.02
C SER B 129 -4.09 9.49 4.51
N SER B 130 -3.43 8.78 3.60
CA SER B 130 -2.46 7.77 4.02
C SER B 130 -1.52 7.34 2.88
N LEU B 131 -0.43 6.70 3.26
CA LEU B 131 0.53 6.22 2.28
C LEU B 131 -0.13 5.21 1.36
N ALA B 132 -0.84 4.26 1.96
CA ALA B 132 -1.54 3.22 1.21
C ALA B 132 -2.47 3.80 0.15
N GLU B 133 -3.16 4.89 0.48
CA GLU B 133 -4.07 5.51 -0.47
C GLU B 133 -3.32 6.28 -1.56
N ALA B 134 -2.30 7.04 -1.14
CA ALA B 134 -1.50 7.85 -2.05
C ALA B 134 -0.58 7.08 -3.00
N ALA B 135 -0.07 5.93 -2.54
CA ALA B 135 0.84 5.10 -3.31
C ALA B 135 0.51 4.82 -4.78
N SER B 136 -0.78 4.71 -5.11
CA SER B 136 -1.18 4.43 -6.48
C SER B 136 -1.67 5.63 -7.28
N LYS B 137 -1.58 6.81 -6.68
CA LYS B 137 -2.03 8.04 -7.31
C LYS B 137 -0.89 8.73 -8.07
N ALA B 138 -1.19 9.23 -9.26
CA ALA B 138 -0.20 9.91 -10.10
C ALA B 138 0.56 11.01 -9.34
N ASP B 139 -0.14 11.72 -8.47
CA ASP B 139 0.48 12.80 -7.69
C ASP B 139 0.57 12.41 -6.23
N GLY B 140 0.64 11.10 -5.98
CA GLY B 140 0.71 10.61 -4.61
C GLY B 140 2.04 10.59 -3.89
N LEU B 141 3.14 10.37 -4.61
CA LEU B 141 4.44 10.32 -3.96
C LEU B 141 5.49 11.28 -4.51
N ALA B 142 6.51 11.53 -3.69
CA ALA B 142 7.61 12.42 -4.05
C ALA B 142 8.88 11.82 -3.44
N VAL B 143 9.86 11.52 -4.27
CA VAL B 143 11.10 10.94 -3.78
C VAL B 143 12.31 11.76 -4.20
N ILE B 144 13.18 12.07 -3.24
CA ILE B 144 14.40 12.80 -3.50
C ILE B 144 15.50 11.77 -3.70
N GLY B 145 16.20 11.86 -4.83
CA GLY B 145 17.28 10.93 -5.10
C GLY B 145 18.62 11.63 -5.03
N VAL B 146 19.57 11.01 -4.33
CA VAL B 146 20.91 11.58 -4.21
C VAL B 146 21.94 10.55 -4.66
N LEU B 147 22.72 10.92 -5.67
CA LEU B 147 23.75 10.05 -6.19
C LEU B 147 24.92 9.99 -5.21
N MET B 148 25.43 8.79 -4.98
CA MET B 148 26.54 8.60 -4.05
C MET B 148 27.78 8.15 -4.80
N LYS B 149 28.85 8.93 -4.70
CA LYS B 149 30.11 8.62 -5.38
C LYS B 149 31.14 8.05 -4.41
N VAL B 150 31.68 6.88 -4.75
CA VAL B 150 32.68 6.24 -3.91
C VAL B 150 33.90 7.14 -3.75
N GLY B 151 34.37 7.25 -2.52
CA GLY B 151 35.52 8.09 -2.21
C GLY B 151 35.73 8.08 -0.71
N GLU B 152 35.80 9.27 -0.12
CA GLU B 152 36.00 9.37 1.32
C GLU B 152 34.78 8.87 2.09
N ALA B 153 35.01 8.31 3.26
CA ALA B 153 33.93 7.82 4.10
C ALA B 153 33.02 8.97 4.47
N ASN B 154 31.71 8.72 4.48
CA ASN B 154 30.71 9.73 4.81
C ASN B 154 30.28 9.54 6.27
N PRO B 155 30.70 10.44 7.17
CA PRO B 155 30.34 10.33 8.59
C PRO B 155 28.85 10.45 8.87
N LYS B 156 28.11 11.08 7.96
CA LYS B 156 26.67 11.25 8.12
C LYS B 156 25.94 9.91 8.09
N LEU B 157 26.61 8.89 7.56
CA LEU B 157 26.02 7.56 7.44
C LEU B 157 26.25 6.62 8.62
N GLN B 158 27.19 6.95 9.49
CA GLN B 158 27.51 6.09 10.63
C GLN B 158 26.31 5.61 11.44
N LYS B 159 25.40 6.53 11.78
CA LYS B 159 24.20 6.17 12.55
C LYS B 159 23.47 5.00 11.90
N VAL B 160 23.25 5.11 10.60
CA VAL B 160 22.55 4.07 9.85
C VAL B 160 23.36 2.79 9.78
N LEU B 161 24.64 2.92 9.44
CA LEU B 161 25.53 1.78 9.34
C LEU B 161 25.68 1.02 10.65
N ASP B 162 25.72 1.74 11.77
CA ASP B 162 25.86 1.10 13.08
C ASP B 162 24.63 0.30 13.47
N ALA B 163 23.48 0.64 12.89
CA ALA B 163 22.24 -0.05 13.21
C ALA B 163 22.02 -1.35 12.44
N LEU B 164 22.77 -1.54 11.36
CA LEU B 164 22.63 -2.73 10.54
C LEU B 164 22.90 -4.05 11.25
N GLN B 165 23.78 -4.05 12.24
CA GLN B 165 24.09 -5.29 12.96
C GLN B 165 22.90 -5.84 13.74
N ALA B 166 21.87 -5.03 13.92
CA ALA B 166 20.68 -5.45 14.65
C ALA B 166 19.58 -5.98 13.73
N ILE B 167 19.76 -5.81 12.42
CA ILE B 167 18.77 -6.26 11.44
C ILE B 167 19.43 -6.99 10.28
N LYS B 168 20.38 -7.87 10.60
CA LYS B 168 21.14 -8.62 9.60
C LYS B 168 20.33 -9.50 8.66
N THR B 169 19.28 -10.14 9.16
CA THR B 169 18.49 -11.03 8.31
C THR B 169 17.08 -10.52 8.00
N LYS B 170 16.49 -11.07 6.94
CA LYS B 170 15.16 -10.67 6.49
C LYS B 170 14.09 -10.71 7.57
N GLY B 171 13.35 -9.61 7.69
CA GLY B 171 12.28 -9.55 8.67
C GLY B 171 12.65 -8.88 9.99
N LYS B 172 13.94 -8.87 10.33
CA LYS B 172 14.36 -8.24 11.58
C LYS B 172 14.17 -6.73 11.51
N ARG B 173 13.80 -6.14 12.64
CA ARG B 173 13.59 -4.70 12.72
C ARG B 173 14.03 -4.22 14.10
N ALA B 174 14.32 -2.93 14.20
CA ALA B 174 14.75 -2.36 15.47
C ALA B 174 14.43 -0.88 15.53
N PRO B 175 14.30 -0.34 16.75
CA PRO B 175 13.99 1.09 16.88
C PRO B 175 15.12 1.92 16.27
N PHE B 176 14.73 3.01 15.61
CA PHE B 176 15.68 3.92 14.99
C PHE B 176 15.05 5.28 15.26
N THR B 177 15.57 5.98 16.26
CA THR B 177 15.01 7.27 16.65
C THR B 177 15.95 8.47 16.62
N ASN B 178 15.34 9.65 16.78
CA ASN B 178 16.05 10.91 16.81
C ASN B 178 17.05 11.04 15.66
N PHE B 179 16.53 11.12 14.44
CA PHE B 179 17.37 11.27 13.26
C PHE B 179 16.70 12.13 12.20
N ASP B 180 17.44 13.11 11.69
CA ASP B 180 16.95 14.02 10.65
C ASP B 180 17.65 13.61 9.35
N PRO B 181 16.93 12.96 8.42
CA PRO B 181 17.53 12.54 7.15
C PRO B 181 17.99 13.66 6.22
N SER B 182 17.63 14.90 6.52
CA SER B 182 18.05 16.01 5.67
C SER B 182 19.56 16.20 5.82
N THR B 183 20.13 15.60 6.87
CA THR B 183 21.56 15.68 7.13
C THR B 183 22.34 14.88 6.10
N LEU B 184 21.65 14.02 5.36
CA LEU B 184 22.29 13.18 4.36
C LEU B 184 22.31 13.85 2.98
N LEU B 185 21.53 14.92 2.84
CA LEU B 185 21.46 15.64 1.57
C LEU B 185 22.68 16.51 1.32
N PRO B 186 22.97 16.80 0.04
CA PRO B 186 24.12 17.63 -0.32
C PRO B 186 23.89 19.09 0.08
N SER B 187 24.96 19.87 0.18
CA SER B 187 24.85 21.26 0.56
C SER B 187 23.90 22.03 -0.37
N SER B 188 24.12 21.89 -1.66
CA SER B 188 23.28 22.55 -2.65
C SER B 188 22.11 21.64 -3.01
N LEU B 189 20.93 22.24 -3.18
CA LEU B 189 19.76 21.45 -3.52
C LEU B 189 19.26 21.67 -4.94
N ASP B 190 20.15 22.10 -5.84
CA ASP B 190 19.76 22.28 -7.23
C ASP B 190 19.26 20.90 -7.63
N PHE B 191 18.23 20.84 -8.49
CA PHE B 191 17.70 19.53 -8.85
C PHE B 191 17.10 19.43 -10.25
N TRP B 192 16.80 18.18 -10.61
CA TRP B 192 16.16 17.83 -11.87
C TRP B 192 14.88 17.16 -11.40
N THR B 193 13.83 17.24 -12.20
CA THR B 193 12.57 16.60 -11.82
C THR B 193 11.85 16.07 -13.05
N TYR B 194 11.20 14.93 -12.87
CA TYR B 194 10.44 14.31 -13.93
C TYR B 194 9.41 13.36 -13.31
N PRO B 195 8.30 13.11 -14.02
CA PRO B 195 7.26 12.21 -13.50
C PRO B 195 7.67 10.75 -13.71
N GLY B 196 7.74 9.99 -12.62
CA GLY B 196 8.15 8.59 -12.74
C GLY B 196 7.39 7.57 -11.91
N SER B 197 8.11 6.54 -11.46
CA SER B 197 7.50 5.47 -10.69
C SER B 197 8.39 4.96 -9.58
N LEU B 198 7.87 4.01 -8.82
CA LEU B 198 8.63 3.35 -7.77
C LEU B 198 9.62 2.51 -8.61
N THR B 199 10.85 2.37 -8.15
CA THR B 199 11.83 1.65 -8.94
C THR B 199 11.80 0.12 -8.82
N HIS B 200 10.86 -0.39 -8.02
CA HIS B 200 10.70 -1.83 -7.87
C HIS B 200 9.24 -2.11 -7.55
N PRO B 201 8.79 -3.37 -7.73
CA PRO B 201 7.39 -3.69 -7.43
C PRO B 201 6.92 -3.04 -6.13
N PRO B 202 5.66 -2.56 -6.09
CA PRO B 202 4.64 -2.60 -7.16
C PRO B 202 4.84 -1.70 -8.39
N LEU B 203 5.92 -0.94 -8.45
CA LEU B 203 6.21 -0.10 -9.62
C LEU B 203 5.15 0.95 -10.01
N TYR B 204 4.33 1.39 -9.06
CA TYR B 204 3.30 2.37 -9.38
C TYR B 204 3.91 3.63 -10.00
N GLU B 205 3.24 4.19 -11.01
CA GLU B 205 3.72 5.41 -11.65
C GLU B 205 3.07 6.57 -10.91
N SER B 206 3.48 6.71 -9.65
CA SER B 206 2.95 7.72 -8.74
C SER B 206 4.02 8.64 -8.16
N VAL B 207 5.23 8.58 -8.70
CA VAL B 207 6.31 9.38 -8.15
C VAL B 207 6.81 10.60 -8.93
N THR B 208 6.89 11.72 -8.22
CA THR B 208 7.43 12.95 -8.80
C THR B 208 8.85 12.90 -8.29
N TRP B 209 9.80 12.66 -9.19
CA TRP B 209 11.19 12.55 -8.78
C TRP B 209 11.95 13.86 -8.68
N ILE B 210 12.75 13.97 -7.64
CA ILE B 210 13.59 15.14 -7.40
C ILE B 210 15.01 14.58 -7.30
N ILE B 211 15.79 14.74 -8.36
CA ILE B 211 17.16 14.25 -8.37
C ILE B 211 18.12 15.40 -8.14
N CYS B 212 18.91 15.31 -7.08
CA CYS B 212 19.87 16.35 -6.75
C CYS B 212 21.02 16.36 -7.76
N LYS B 213 21.42 17.55 -8.18
CA LYS B 213 22.52 17.71 -9.13
C LYS B 213 23.83 17.34 -8.47
N GLU B 214 23.96 17.66 -7.18
CA GLU B 214 25.17 17.38 -6.44
C GLU B 214 25.10 16.03 -5.74
N SER B 215 26.25 15.36 -5.67
CA SER B 215 26.34 14.05 -5.04
C SER B 215 26.93 14.13 -3.65
N ILE B 216 26.89 13.00 -2.95
CA ILE B 216 27.46 12.89 -1.61
C ILE B 216 28.45 11.73 -1.71
N SER B 217 29.37 11.63 -0.76
N SER B 217 29.36 11.64 -0.76
CA SER B 217 30.36 10.56 -0.79
CA SER B 217 30.36 10.58 -0.78
C SER B 217 29.95 9.34 0.01
C SER B 217 29.97 9.35 0.04
N VAL B 218 30.76 8.29 -0.13
CA VAL B 218 30.55 7.03 0.57
C VAL B 218 31.83 6.24 0.28
N SER B 219 32.36 5.55 1.28
CA SER B 219 33.59 4.80 1.09
C SER B 219 33.35 3.37 0.63
N SER B 220 34.40 2.73 0.13
N SER B 220 34.40 2.73 0.13
CA SER B 220 34.33 1.36 -0.34
CA SER B 220 34.31 1.35 -0.33
C SER B 220 33.87 0.44 0.79
C SER B 220 33.86 0.44 0.80
N GLU B 221 34.39 0.68 1.99
CA GLU B 221 34.04 -0.11 3.16
C GLU B 221 32.60 0.10 3.62
N GLN B 222 32.09 1.30 3.47
CA GLN B 222 30.71 1.57 3.86
C GLN B 222 29.76 0.84 2.94
N LEU B 223 30.10 0.77 1.67
CA LEU B 223 29.28 0.06 0.69
C LEU B 223 29.33 -1.44 0.99
N ALA B 224 30.47 -1.90 1.47
CA ALA B 224 30.64 -3.31 1.83
C ALA B 224 29.67 -3.65 2.95
N GLN B 225 29.42 -2.68 3.82
CA GLN B 225 28.49 -2.88 4.93
C GLN B 225 27.08 -3.13 4.40
N PHE B 226 26.69 -2.38 3.38
CA PHE B 226 25.37 -2.58 2.79
C PHE B 226 25.28 -4.01 2.24
N ARG B 227 26.31 -4.41 1.51
CA ARG B 227 26.35 -5.74 0.92
C ARG B 227 26.48 -6.86 1.94
N SER B 228 26.82 -6.52 3.18
CA SER B 228 26.96 -7.54 4.22
C SER B 228 25.60 -7.93 4.79
N LEU B 229 24.57 -7.15 4.48
CA LEU B 229 23.23 -7.45 4.95
C LEU B 229 22.80 -8.76 4.29
N LEU B 230 21.96 -9.53 4.97
CA LEU B 230 21.51 -10.80 4.45
C LEU B 230 20.05 -10.79 3.99
N SER B 231 19.80 -11.42 2.85
CA SER B 231 18.45 -11.49 2.27
C SER B 231 17.66 -12.69 2.79
N ASN B 232 18.34 -13.61 3.45
CA ASN B 232 17.70 -14.80 3.98
C ASN B 232 17.15 -14.57 5.39
N VAL B 233 16.29 -15.48 5.85
CA VAL B 233 15.73 -15.37 7.18
C VAL B 233 16.71 -16.03 8.15
N GLU B 234 16.67 -15.62 9.41
CA GLU B 234 17.57 -16.17 10.42
C GLU B 234 17.55 -17.69 10.46
N GLY B 235 18.73 -18.29 10.52
CA GLY B 235 18.82 -19.75 10.56
C GLY B 235 19.27 -20.36 9.25
N ASP B 236 18.75 -19.84 8.15
CA ASP B 236 19.12 -20.34 6.82
C ASP B 236 20.53 -19.89 6.46
N ASN B 237 21.11 -20.54 5.45
CA ASN B 237 22.46 -20.18 5.02
C ASN B 237 22.47 -18.71 4.64
N ALA B 238 23.53 -18.01 5.01
CA ALA B 238 23.66 -16.59 4.72
C ALA B 238 23.76 -16.28 3.23
N VAL B 239 22.98 -15.31 2.78
CA VAL B 239 22.96 -14.88 1.39
C VAL B 239 23.02 -13.36 1.35
N PRO B 240 24.21 -12.79 1.09
CA PRO B 240 24.41 -11.34 1.04
C PRO B 240 23.58 -10.58 0.01
N MET B 241 23.18 -9.37 0.38
CA MET B 241 22.41 -8.49 -0.50
C MET B 241 23.44 -7.81 -1.40
N GLN B 242 23.85 -8.50 -2.45
CA GLN B 242 24.85 -7.97 -3.37
C GLN B 242 24.47 -6.72 -4.14
N HIS B 243 23.21 -6.65 -4.59
CA HIS B 243 22.77 -5.50 -5.36
C HIS B 243 21.25 -5.36 -5.39
N ASN B 244 20.78 -4.14 -5.63
CA ASN B 244 19.35 -3.89 -5.69
C ASN B 244 18.99 -2.65 -6.53
N ASN B 245 19.72 -2.43 -7.61
CA ASN B 245 19.46 -1.28 -8.47
C ASN B 245 18.85 -1.72 -9.80
N ARG B 246 17.79 -1.03 -10.21
CA ARG B 246 17.11 -1.33 -11.47
C ARG B 246 17.75 -0.56 -12.62
N PRO B 247 17.85 -1.18 -13.80
CA PRO B 247 18.44 -0.50 -14.94
C PRO B 247 17.58 0.71 -15.32
N THR B 248 18.15 1.69 -16.01
CA THR B 248 17.37 2.85 -16.43
C THR B 248 16.34 2.44 -17.48
N GLN B 249 15.18 3.10 -17.44
CA GLN B 249 14.09 2.80 -18.37
C GLN B 249 13.89 3.89 -19.41
N PRO B 250 13.27 3.55 -20.56
CA PRO B 250 13.02 4.52 -21.63
C PRO B 250 12.20 5.73 -21.18
N LEU B 251 12.67 6.91 -21.56
CA LEU B 251 12.02 8.17 -21.20
C LEU B 251 10.62 8.28 -21.82
N LYS B 252 10.44 7.67 -22.98
CA LYS B 252 9.16 7.68 -23.70
C LYS B 252 8.47 9.04 -23.78
N GLY B 253 9.20 10.04 -24.26
CA GLY B 253 8.62 11.36 -24.42
C GLY B 253 8.60 12.28 -23.21
N ARG B 254 8.90 11.74 -22.03
CA ARG B 254 8.90 12.56 -20.83
C ARG B 254 9.99 13.63 -20.88
N THR B 255 9.78 14.71 -20.15
CA THR B 255 10.73 15.82 -20.11
C THR B 255 11.34 15.94 -18.72
N VAL B 256 12.66 16.03 -18.67
CA VAL B 256 13.36 16.20 -17.40
C VAL B 256 13.61 17.70 -17.24
N ARG B 257 13.02 18.29 -16.22
CA ARG B 257 13.18 19.72 -15.98
C ARG B 257 14.30 20.00 -15.00
N ALA B 258 14.99 21.13 -15.19
CA ALA B 258 16.08 21.52 -14.31
C ALA B 258 15.71 22.80 -13.57
N SER B 259 16.12 22.88 -12.30
CA SER B 259 15.84 24.04 -11.49
C SER B 259 16.96 25.07 -11.65
N PHE B 260 18.04 24.63 -12.28
CA PHE B 260 19.21 25.48 -12.49
C PHE B 260 19.58 25.59 -13.96
#